data_7R01
#
_entry.id   7R01
#
_cell.length_a   94.652
_cell.length_b   94.652
_cell.length_c   32.741
_cell.angle_alpha   90.000
_cell.angle_beta   90.000
_cell.angle_gamma   120.000
#
_symmetry.space_group_name_H-M   'P 31 2 1'
#
loop_
_entity.id
_entity.type
_entity.pdbx_description
1 polymer 'Bromodomain adjacent to zinc finger domain protein 2A'
2 non-polymer 1-[4-(4-ethanoylpiperazin-1-yl)phenyl]guanidine
3 non-polymer 1,2-ETHANEDIOL
4 non-polymer 'MAGNESIUM ION'
5 water water
#
_entity_poly.entity_id   1
_entity_poly.type   'polypeptide(L)'
_entity_poly.pdbx_seq_one_letter_code
;SMHSDLTFCEIILMEMESHDAAWPFLEPVNPRLVSGYRRIIKNPMDFSTMRERLLRGGYTSSEEFAADALLVFDNCQTFN
EDDSEVGKAGHIMRRFFESRWEEFY
;
_entity_poly.pdbx_strand_id   A
#
loop_
_chem_comp.id
_chem_comp.type
_chem_comp.name
_chem_comp.formula
EDO non-polymer 1,2-ETHANEDIOL 'C2 H6 O2'
GI7 non-polymer 1-[4-(4-ethanoylpiperazin-1-yl)phenyl]guanidine 'C13 H19 N5 O'
MG non-polymer 'MAGNESIUM ION' 'Mg 2'
#
# COMPACT_ATOMS: atom_id res chain seq x y z
N HIS A 3 -7.09 2.28 -20.37
CA HIS A 3 -5.63 2.25 -20.50
C HIS A 3 -4.98 3.39 -19.74
N SER A 4 -5.35 4.63 -20.08
CA SER A 4 -4.68 5.79 -19.53
C SER A 4 -4.78 5.85 -18.01
N ASP A 5 -5.82 5.24 -17.42
CA ASP A 5 -5.87 5.12 -15.97
C ASP A 5 -4.73 4.27 -15.44
N LEU A 6 -4.45 3.16 -16.10
CA LEU A 6 -3.52 2.18 -15.53
C LEU A 6 -2.07 2.63 -15.64
N THR A 7 -1.72 3.44 -16.63
CA THR A 7 -0.36 3.95 -16.72
C THR A 7 -0.04 4.90 -15.56
N PHE A 8 -1.04 5.62 -15.04
CA PHE A 8 -0.82 6.42 -13.85
C PHE A 8 -0.66 5.55 -12.60
N CYS A 9 -1.36 4.41 -12.56
CA CYS A 9 -1.13 3.45 -11.48
C CYS A 9 0.30 2.95 -11.47
N GLU A 10 0.84 2.69 -12.65
CA GLU A 10 2.23 2.21 -12.71
C GLU A 10 3.15 3.25 -12.13
N ILE A 11 2.97 4.49 -12.52
CA ILE A 11 3.85 5.55 -12.04
C ILE A 11 3.81 5.64 -10.53
N ILE A 12 2.61 5.70 -9.97
CA ILE A 12 2.49 5.89 -8.53
C ILE A 12 2.98 4.65 -7.76
N LEU A 13 2.76 3.45 -8.31
CA LEU A 13 3.22 2.25 -7.60
C LEU A 13 4.73 2.14 -7.67
N MET A 14 5.31 2.41 -8.85
CA MET A 14 6.76 2.51 -8.99
C MET A 14 7.33 3.53 -8.01
N GLU A 15 6.66 4.67 -7.86
CA GLU A 15 7.17 5.70 -6.98
C GLU A 15 7.04 5.28 -5.52
N MET A 16 5.95 4.59 -5.17
CA MET A 16 5.83 4.08 -3.80
C MET A 16 6.81 2.95 -3.54
N GLU A 17 7.10 2.13 -4.56
CA GLU A 17 8.02 1.00 -4.38
C GLU A 17 9.43 1.46 -4.04
N SER A 18 9.86 2.60 -4.59
CA SER A 18 11.22 3.07 -4.38
C SER A 18 11.29 4.22 -3.36
N HIS A 19 10.19 4.55 -2.71
CA HIS A 19 10.18 5.56 -1.67
C HIS A 19 10.93 5.09 -0.43
N ASP A 20 11.64 6.02 0.23
CA ASP A 20 12.41 5.69 1.43
C ASP A 20 11.57 4.99 2.51
N ALA A 21 10.34 5.45 2.72
CA ALA A 21 9.50 4.95 3.81
C ALA A 21 8.66 3.74 3.41
N ALA A 22 9.04 3.05 2.33
CA ALA A 22 8.22 1.97 1.80
C ALA A 22 8.58 0.62 2.42
N TRP A 23 9.68 0.54 3.15
CA TRP A 23 10.19 -0.74 3.62
C TRP A 23 9.17 -1.61 4.36
N PRO A 24 8.22 -1.09 5.16
CA PRO A 24 7.29 -2.01 5.84
C PRO A 24 6.26 -2.65 4.93
N PHE A 25 6.11 -2.13 3.70
CA PHE A 25 4.99 -2.48 2.83
C PHE A 25 5.41 -3.15 1.54
N LEU A 26 6.70 -3.48 1.38
CA LEU A 26 7.14 -4.06 0.12
C LEU A 26 6.73 -5.52 -0.01
N GLU A 27 6.68 -6.25 1.10
CA GLU A 27 6.33 -7.66 1.07
C GLU A 27 5.17 -7.91 2.03
N PRO A 28 4.42 -9.00 1.81
CA PRO A 28 3.35 -9.35 2.74
C PRO A 28 3.89 -9.50 4.15
N VAL A 29 3.14 -9.02 5.13
CA VAL A 29 3.49 -9.32 6.51
C VAL A 29 3.54 -10.83 6.70
N ASN A 30 4.55 -11.29 7.42
CA ASN A 30 4.66 -12.69 7.76
C ASN A 30 4.01 -12.89 9.13
N PRO A 31 2.80 -13.46 9.20
CA PRO A 31 2.15 -13.63 10.51
C PRO A 31 2.94 -14.51 11.48
N ARG A 32 3.91 -15.26 11.02
CA ARG A 32 4.67 -16.10 11.96
C ARG A 32 5.59 -15.21 12.76
N LEU A 33 6.08 -14.15 12.14
CA LEU A 33 7.01 -13.26 12.81
C LEU A 33 6.31 -12.15 13.57
N VAL A 34 5.03 -11.89 13.31
CA VAL A 34 4.37 -10.69 13.82
C VAL A 34 3.20 -11.14 14.68
N SER A 35 3.44 -11.20 15.99
CA SER A 35 2.44 -11.68 16.94
C SER A 35 1.16 -10.87 16.83
N GLY A 36 0.04 -11.57 16.57
CA GLY A 36 -1.26 -10.95 16.54
C GLY A 36 -1.73 -10.38 15.21
N TYR A 37 -0.93 -10.49 14.14
CA TYR A 37 -1.30 -9.83 12.89
C TYR A 37 -2.43 -10.58 12.19
N ARG A 38 -2.38 -11.91 12.21
CA ARG A 38 -3.42 -12.73 11.60
C ARG A 38 -4.79 -12.40 12.18
N ARG A 39 -4.87 -12.30 13.51
CA ARG A 39 -6.14 -12.02 14.20
C ARG A 39 -6.68 -10.61 13.88
N ILE A 40 -5.81 -9.62 13.78
CA ILE A 40 -6.27 -8.22 13.71
C ILE A 40 -6.55 -7.77 12.29
N ILE A 41 -5.72 -8.19 11.33
CA ILE A 41 -5.78 -7.71 9.96
C ILE A 41 -6.49 -8.76 9.12
N LYS A 42 -7.72 -8.46 8.71
CA LYS A 42 -8.48 -9.48 7.98
C LYS A 42 -8.25 -9.45 6.48
N ASN A 43 -7.81 -8.32 5.91
CA ASN A 43 -7.50 -8.28 4.48
C ASN A 43 -6.12 -7.67 4.31
N PRO A 44 -5.07 -8.48 4.43
CA PRO A 44 -3.72 -7.94 4.27
C PRO A 44 -3.45 -7.50 2.83
N MET A 45 -2.59 -6.50 2.71
CA MET A 45 -2.26 -5.98 1.39
C MET A 45 -0.89 -5.35 1.49
N ASP A 46 -0.17 -5.37 0.37
CA ASP A 46 1.20 -4.87 0.34
C ASP A 46 1.55 -4.50 -1.09
N PHE A 47 2.70 -3.86 -1.26
CA PHE A 47 3.02 -3.29 -2.58
C PHE A 47 3.34 -4.38 -3.59
N SER A 48 3.95 -5.48 -3.18
CA SER A 48 4.29 -6.54 -4.12
C SER A 48 3.05 -7.30 -4.60
N THR A 49 2.00 -7.35 -3.79
CA THR A 49 0.75 -7.96 -4.24
C THR A 49 0.03 -7.06 -5.24
N MET A 50 -0.04 -5.75 -4.94
CA MET A 50 -0.53 -4.81 -5.94
C MET A 50 0.28 -4.89 -7.23
N ARG A 51 1.60 -4.98 -7.09
CA ARG A 51 2.46 -5.18 -8.25
C ARG A 51 2.09 -6.44 -9.02
N GLU A 52 2.00 -7.58 -8.32
CA GLU A 52 1.61 -8.81 -9.00
C GLU A 52 0.27 -8.63 -9.71
N ARG A 53 -0.69 -7.98 -9.06
CA ARG A 53 -2.00 -7.83 -9.69
C ARG A 53 -1.95 -6.85 -10.86
N LEU A 54 -1.17 -5.77 -10.72
CA LEU A 54 -1.11 -4.79 -11.81
C LEU A 54 -0.45 -5.38 -13.05
N LEU A 55 0.60 -6.19 -12.86
CA LEU A 55 1.30 -6.81 -13.98
C LEU A 55 0.44 -7.85 -14.69
N ARG A 56 -0.42 -8.54 -13.93
CA ARG A 56 -1.29 -9.55 -14.52
C ARG A 56 -2.52 -8.92 -15.16
N GLY A 57 -2.83 -7.67 -14.85
CA GLY A 57 -3.95 -6.95 -15.44
C GLY A 57 -5.16 -6.83 -14.54
N GLY A 58 -5.14 -7.44 -13.35
CA GLY A 58 -6.31 -7.59 -12.54
C GLY A 58 -6.88 -6.33 -11.90
N TYR A 59 -6.62 -5.17 -12.49
CA TYR A 59 -7.24 -3.93 -12.02
C TYR A 59 -8.13 -3.38 -13.12
N THR A 60 -9.44 -3.35 -12.85
CA THR A 60 -10.42 -2.87 -13.83
C THR A 60 -10.28 -1.37 -14.07
N SER A 61 -10.16 -0.61 -12.99
CA SER A 61 -10.06 0.84 -13.04
C SER A 61 -9.00 1.29 -12.05
N SER A 62 -8.68 2.58 -12.09
CA SER A 62 -7.76 3.11 -11.09
C SER A 62 -8.36 3.06 -9.68
N GLU A 63 -9.69 3.04 -9.57
CA GLU A 63 -10.31 3.06 -8.25
C GLU A 63 -10.07 1.76 -7.50
N GLU A 64 -10.03 0.64 -8.20
CA GLU A 64 -9.70 -0.62 -7.54
C GLU A 64 -8.26 -0.61 -7.06
N PHE A 65 -7.35 -0.04 -7.86
CA PHE A 65 -5.98 0.13 -7.45
C PHE A 65 -5.90 0.98 -6.19
N ALA A 66 -6.66 2.08 -6.17
CA ALA A 66 -6.61 2.98 -5.02
C ALA A 66 -7.17 2.31 -3.78
N ALA A 67 -8.16 1.43 -3.95
CA ALA A 67 -8.73 0.73 -2.82
C ALA A 67 -7.68 -0.15 -2.14
N ASP A 68 -6.84 -0.81 -2.93
CA ASP A 68 -5.76 -1.63 -2.36
C ASP A 68 -4.70 -0.76 -1.70
N ALA A 69 -4.31 0.33 -2.36
CA ALA A 69 -3.38 1.27 -1.75
C ALA A 69 -3.89 1.68 -0.38
N LEU A 70 -5.11 2.21 -0.34
CA LEU A 70 -5.70 2.66 0.92
C LEU A 70 -5.80 1.53 1.94
N LEU A 71 -5.94 0.28 1.46
CA LEU A 71 -6.00 -0.85 2.38
C LEU A 71 -4.65 -1.08 3.04
N VAL A 72 -3.56 -0.87 2.29
CA VAL A 72 -2.22 -0.92 2.89
C VAL A 72 -2.15 0.04 4.09
N PHE A 73 -2.62 1.26 3.92
CA PHE A 73 -2.45 2.27 4.97
C PHE A 73 -3.52 2.14 6.04
N ASP A 74 -4.75 1.76 5.69
CA ASP A 74 -5.73 1.41 6.72
C ASP A 74 -5.22 0.27 7.60
N ASN A 75 -4.66 -0.79 7.00
CA ASN A 75 -4.11 -1.88 7.80
C ASN A 75 -2.96 -1.38 8.67
N CYS A 76 -2.07 -0.58 8.10
CA CYS A 76 -0.93 -0.10 8.88
C CYS A 76 -1.41 0.63 10.14
N GLN A 77 -2.44 1.46 10.00
CA GLN A 77 -2.97 2.22 11.12
C GLN A 77 -3.74 1.33 12.10
N THR A 78 -4.34 0.26 11.64
CA THR A 78 -5.04 -0.64 12.57
C THR A 78 -4.06 -1.41 13.46
N PHE A 79 -2.95 -1.89 12.89
CA PHE A 79 -2.03 -2.72 13.67
C PHE A 79 -0.96 -1.94 14.44
N ASN A 80 -0.46 -0.82 13.91
CA ASN A 80 0.68 -0.13 14.48
C ASN A 80 0.26 1.21 15.09
N GLU A 81 0.80 1.52 16.27
CA GLU A 81 0.54 2.80 16.89
C GLU A 81 1.13 3.92 16.05
N ASP A 82 0.48 5.09 16.09
CA ASP A 82 0.90 6.20 15.23
C ASP A 82 2.35 6.58 15.47
N ASP A 83 2.83 6.47 16.72
CA ASP A 83 4.19 6.87 17.02
C ASP A 83 5.19 5.73 16.89
N SER A 84 4.75 4.56 16.44
CA SER A 84 5.63 3.43 16.20
C SER A 84 6.45 3.67 14.94
N GLU A 85 7.56 2.92 14.84
CA GLU A 85 8.44 3.06 13.68
C GLU A 85 7.72 2.68 12.39
N VAL A 86 6.91 1.62 12.42
CA VAL A 86 6.14 1.26 11.23
C VAL A 86 5.02 2.26 10.97
N GLY A 87 4.39 2.73 12.04
CA GLY A 87 3.30 3.69 11.89
C GLY A 87 3.78 4.98 11.25
N LYS A 88 4.91 5.52 11.72
CA LYS A 88 5.46 6.76 11.16
C LYS A 88 5.75 6.58 9.67
N ALA A 89 6.35 5.45 9.31
CA ALA A 89 6.58 5.17 7.89
C ALA A 89 5.27 5.13 7.13
N GLY A 90 4.23 4.56 7.75
CA GLY A 90 2.97 4.41 7.06
C GLY A 90 2.28 5.74 6.82
N HIS A 91 2.35 6.64 7.80
CA HIS A 91 1.78 7.96 7.59
C HIS A 91 2.48 8.69 6.45
N ILE A 92 3.81 8.56 6.39
CA ILE A 92 4.57 9.18 5.32
C ILE A 92 4.14 8.60 3.97
N MET A 93 3.94 7.28 3.92
CA MET A 93 3.55 6.65 2.67
C MET A 93 2.11 7.00 2.28
N ARG A 94 1.20 7.01 3.27
CA ARG A 94 -0.18 7.38 2.99
C ARG A 94 -0.29 8.82 2.48
N ARG A 95 0.34 9.77 3.18
CA ARG A 95 0.35 11.15 2.69
C ARG A 95 0.94 11.24 1.30
N PHE A 96 2.00 10.47 1.03
CA PHE A 96 2.58 10.47 -0.31
C PHE A 96 1.56 10.00 -1.33
N PHE A 97 0.94 8.85 -1.08
CA PHE A 97 -0.06 8.34 -2.03
C PHE A 97 -1.16 9.37 -2.25
N GLU A 98 -1.71 9.93 -1.16
CA GLU A 98 -2.85 10.82 -1.30
C GLU A 98 -2.49 12.06 -2.10
N SER A 99 -1.31 12.65 -1.87
CA SER A 99 -0.97 13.83 -2.64
C SER A 99 -0.68 13.49 -4.09
N ARG A 100 -0.01 12.36 -4.35
CA ARG A 100 0.25 11.96 -5.73
C ARG A 100 -1.06 11.62 -6.44
N TRP A 101 -1.95 10.90 -5.77
CA TRP A 101 -3.21 10.53 -6.42
C TRP A 101 -4.02 11.75 -6.78
N GLU A 102 -3.96 12.81 -5.98
CA GLU A 102 -4.81 13.97 -6.23
C GLU A 102 -4.25 14.87 -7.32
N GLU A 103 -2.93 14.88 -7.53
CA GLU A 103 -2.39 15.65 -8.65
C GLU A 103 -2.40 14.85 -9.95
N PHE A 104 -3.08 13.70 -9.95
CA PHE A 104 -3.52 13.03 -11.18
C PHE A 104 -5.01 13.10 -11.41
N TYR A 105 -5.80 13.14 -10.33
CA TYR A 105 -7.27 13.24 -10.40
C TYR A 105 -7.78 14.28 -9.39
C01 GI7 B . 2.83 -3.68 7.59
C02 GI7 B . 2.78 -3.91 9.11
C05 GI7 B . 4.00 -4.75 11.17
C06 GI7 B . 5.07 -5.75 11.61
C08 GI7 B . 6.48 -4.98 9.70
C10 GI7 B . 7.47 -5.03 12.07
C11 GI7 B . 8.78 -4.87 11.68
C13 GI7 B . 9.36 -4.20 13.97
C15 GI7 B . 11.39 -4.69 15.39
N17 GI7 B . 12.25 -4.29 16.26
C18 GI7 B . 8.03 -4.37 14.36
C09 GI7 B . 5.12 -4.92 8.99
C12 GI7 B . 9.75 -4.46 12.63
C19 GI7 B . 7.08 -4.78 13.43
N04 GI7 B . 3.97 -4.55 9.78
N07 GI7 B . 6.47 -5.46 11.12
N14 GI7 B . 10.34 -3.78 14.95
N16 GI7 B . 11.48 -6.03 14.83
O03 GI7 B . 1.85 -3.59 9.76
C1 EDO C . 7.37 -9.49 9.01
O1 EDO C . 6.82 -9.44 7.68
C2 EDO C . 8.16 -8.21 9.27
O2 EDO C . 8.66 -8.24 10.62
MG MG D . -10.03 5.35 3.82
#